data_5AR8
#
_entry.id   5AR8
#
_cell.length_a   132.371
_cell.length_b   132.371
_cell.length_c   107.424
_cell.angle_alpha   90.00
_cell.angle_beta   90.00
_cell.angle_gamma   120.00
#
_symmetry.space_group_name_H-M   'P 32 2 1'
#
loop_
_entity.id
_entity.type
_entity.pdbx_description
1 polymer 'RECEPTOR-INTERACTING SERINE/THREONINE-PROTEIN KINASE 2'
2 non-polymer 2,6-bis(fluoranyl)-N-[3-[5-[2-[(3-methylsulfonylphenyl)amino]pyrimidin-4-yl]-2-morpholin-4-yl-1,3-thiazol-4-yl]phenyl]benzenesulfonamide
3 water water
#
_entity_poly.entity_id   1
_entity_poly.type   'polypeptide(L)'
_entity_poly.pdbx_seq_one_letter_code
;MDYKDDDDKENLYFQGMNGEAICSALPTIPYHKLADLRYLSRGASGTVSSARHADWRVQVAVKHLHIHTPLLDSERKDVL
REAEILHKARFSYILPILGICNEPEFLGIVTEYMPNGSLNELLHRKTEYPDVAWPLRFRILHEIALGVNYLHNMTPPLLH
HDLKTQNILLDNEFHVKIADFGLSKWRMMSLSQSRSSKSAPEGGTIIYMPPENYEPGQKSRASIKHDIYSYAVITWEVLS
RKQPFEDVTNPLQIMYSVSQGHRPVINEESLPYDIPHRARMISLIESGWAQNPDERPSFLKCLIELEPVLRTFEEITFLE
AVIQLK
;
_entity_poly.pdbx_strand_id   A,B
#
# COMPACT_ATOMS: atom_id res chain seq x y z
N ALA A 25 8.67 -17.52 -1.94
CA ALA A 25 8.83 -18.09 -0.60
C ALA A 25 8.08 -17.28 0.47
N LEU A 26 7.09 -17.94 1.13
CA LEU A 26 6.27 -17.34 2.16
C LEU A 26 6.94 -17.49 3.53
N PRO A 27 7.24 -16.38 4.23
CA PRO A 27 7.91 -16.47 5.54
C PRO A 27 7.16 -17.28 6.61
N THR A 28 7.89 -17.77 7.62
CA THR A 28 7.32 -18.54 8.72
C THR A 28 7.44 -17.74 10.01
N ILE A 29 6.28 -17.39 10.59
CA ILE A 29 6.16 -16.63 11.82
C ILE A 29 5.90 -17.57 13.00
N PRO A 30 6.72 -17.50 14.08
CA PRO A 30 6.45 -18.34 15.24
C PRO A 30 5.48 -17.65 16.19
N TYR A 31 4.37 -18.34 16.54
CA TYR A 31 3.27 -17.85 17.39
C TYR A 31 3.69 -16.92 18.56
N HIS A 32 4.88 -17.15 19.16
CA HIS A 32 5.37 -16.33 20.27
C HIS A 32 5.78 -14.91 19.87
N LYS A 33 5.95 -14.64 18.55
CA LYS A 33 6.29 -13.31 18.00
C LYS A 33 5.07 -12.37 17.93
N LEU A 34 3.85 -12.93 17.96
CA LEU A 34 2.58 -12.22 17.90
C LEU A 34 2.03 -11.84 19.29
N ALA A 35 2.54 -10.73 19.84
CA ALA A 35 2.12 -10.21 21.15
C ALA A 35 0.73 -9.55 21.11
N ASP A 36 0.26 -8.99 22.26
CA ASP A 36 -1.00 -8.25 22.48
C ASP A 36 -2.25 -8.79 21.75
N LEU A 37 -2.27 -10.10 21.44
CA LEU A 37 -3.37 -10.80 20.75
C LEU A 37 -4.74 -10.45 21.33
N ARG A 38 -5.69 -10.15 20.44
CA ARG A 38 -7.08 -9.78 20.77
C ARG A 38 -7.96 -10.26 19.62
N TYR A 39 -9.00 -11.03 19.92
CA TYR A 39 -9.97 -11.54 18.95
C TYR A 39 -10.65 -10.34 18.20
N LEU A 40 -10.78 -10.45 16.86
CA LEU A 40 -11.46 -9.44 16.04
C LEU A 40 -12.87 -9.91 15.73
N SER A 41 -12.96 -11.05 15.03
CA SER A 41 -14.21 -11.70 14.65
C SER A 41 -13.98 -13.19 14.40
N ARG A 42 -15.04 -14.00 14.61
CA ARG A 42 -15.00 -15.45 14.40
C ARG A 42 -15.43 -15.75 12.96
N GLY A 43 -15.89 -16.98 12.72
CA GLY A 43 -16.35 -17.40 11.40
C GLY A 43 -16.07 -18.87 11.10
N ALA A 44 -16.81 -19.40 10.10
CA ALA A 44 -16.70 -20.78 9.64
C ALA A 44 -15.30 -21.03 9.02
N SER A 45 -14.80 -20.04 8.24
CA SER A 45 -13.49 -20.01 7.57
C SER A 45 -12.32 -20.08 8.56
N GLY A 46 -12.52 -19.52 9.75
CA GLY A 46 -11.56 -19.49 10.85
C GLY A 46 -11.75 -18.28 11.74
N THR A 47 -11.12 -18.29 12.91
CA THR A 47 -11.19 -17.17 13.85
C THR A 47 -10.08 -16.17 13.55
N VAL A 48 -10.45 -14.89 13.53
CA VAL A 48 -9.56 -13.78 13.21
C VAL A 48 -9.28 -12.96 14.46
N SER A 49 -7.99 -12.66 14.69
CA SER A 49 -7.54 -11.86 15.82
C SER A 49 -6.47 -10.87 15.38
N SER A 50 -6.40 -9.71 16.04
CA SER A 50 -5.35 -8.73 15.83
C SER A 50 -4.17 -9.16 16.72
N ALA A 51 -2.98 -8.55 16.52
CA ALA A 51 -1.75 -8.83 17.26
C ALA A 51 -0.69 -7.83 16.85
N ARG A 52 0.35 -7.63 17.67
CA ARG A 52 1.46 -6.75 17.27
C ARG A 52 2.73 -7.58 17.09
N HIS A 53 3.33 -7.55 15.91
CA HIS A 53 4.54 -8.29 15.66
C HIS A 53 5.67 -7.61 16.44
N ALA A 54 6.31 -8.39 17.35
CA ALA A 54 7.39 -7.96 18.24
C ALA A 54 8.61 -7.44 17.52
N ASP A 55 9.01 -8.09 16.41
CA ASP A 55 10.18 -7.67 15.63
C ASP A 55 9.87 -6.55 14.64
N TRP A 56 8.70 -6.60 13.97
CA TRP A 56 8.30 -5.61 12.96
C TRP A 56 7.80 -4.30 13.55
N ARG A 57 7.24 -4.34 14.78
CA ARG A 57 6.70 -3.20 15.54
C ARG A 57 5.44 -2.60 14.90
N VAL A 58 4.59 -3.48 14.30
CA VAL A 58 3.35 -3.13 13.59
C VAL A 58 2.21 -4.07 13.98
N GLN A 59 0.96 -3.58 13.78
CA GLN A 59 -0.24 -4.39 13.99
C GLN A 59 -0.40 -5.34 12.81
N VAL A 60 -0.77 -6.57 13.07
CA VAL A 60 -1.04 -7.57 12.04
C VAL A 60 -2.39 -8.21 12.37
N ALA A 61 -2.81 -9.20 11.60
CA ALA A 61 -4.03 -9.97 11.85
C ALA A 61 -3.70 -11.41 11.57
N VAL A 62 -4.21 -12.31 12.42
CA VAL A 62 -3.96 -13.74 12.30
C VAL A 62 -5.27 -14.49 12.20
N LYS A 63 -5.35 -15.47 11.29
CA LYS A 63 -6.53 -16.29 11.07
C LYS A 63 -6.17 -17.75 11.31
N HIS A 64 -6.59 -18.27 12.50
CA HIS A 64 -6.37 -19.65 12.93
C HIS A 64 -7.19 -20.63 12.06
N LEU A 65 -6.56 -21.73 11.61
CA LEU A 65 -7.07 -22.79 10.71
C LEU A 65 -7.34 -22.23 9.32
N LEU A 80 -2.63 -25.12 4.21
CA LEU A 80 -1.27 -24.64 3.93
C LEU A 80 -0.99 -24.54 2.43
N ARG A 81 -1.64 -25.40 1.63
CA ARG A 81 -1.48 -25.42 0.16
C ARG A 81 -2.15 -24.19 -0.48
N GLU A 82 -3.34 -23.81 0.03
CA GLU A 82 -4.08 -22.65 -0.47
C GLU A 82 -3.44 -21.32 -0.04
N ALA A 83 -2.53 -21.35 0.98
CA ALA A 83 -1.81 -20.16 1.47
C ALA A 83 -0.85 -19.60 0.43
N GLU A 84 -0.12 -20.48 -0.29
CA GLU A 84 0.80 -20.12 -1.37
C GLU A 84 0.00 -19.57 -2.57
N ILE A 85 -1.20 -20.17 -2.83
CA ILE A 85 -2.16 -19.76 -3.86
C ILE A 85 -2.60 -18.31 -3.56
N LEU A 86 -2.57 -17.92 -2.27
CA LEU A 86 -2.91 -16.57 -1.83
C LEU A 86 -1.67 -15.64 -1.74
N HIS A 87 -0.45 -16.18 -1.99
CA HIS A 87 0.78 -15.36 -2.06
C HIS A 87 0.97 -14.97 -3.54
N LYS A 88 0.22 -15.68 -4.43
CA LYS A 88 0.10 -15.50 -5.90
C LYS A 88 -0.99 -14.44 -6.15
N ALA A 89 -1.95 -14.35 -5.21
CA ALA A 89 -3.02 -13.37 -5.17
C ALA A 89 -2.40 -12.13 -4.49
N ARG A 90 -1.44 -11.48 -5.18
CA ARG A 90 -0.72 -10.32 -4.70
C ARG A 90 -0.95 -9.11 -5.61
N PHE A 91 -1.71 -8.12 -5.09
CA PHE A 91 -2.18 -6.94 -5.79
C PHE A 91 -2.60 -5.88 -4.79
N SER A 92 -2.72 -4.62 -5.22
CA SER A 92 -3.01 -3.48 -4.34
C SER A 92 -4.38 -3.52 -3.66
N TYR A 93 -5.34 -4.29 -4.19
CA TYR A 93 -6.69 -4.32 -3.61
C TYR A 93 -7.08 -5.69 -3.05
N ILE A 94 -6.08 -6.56 -2.81
CA ILE A 94 -6.23 -7.86 -2.19
C ILE A 94 -5.48 -7.76 -0.86
N LEU A 95 -6.04 -8.34 0.25
CA LEU A 95 -5.42 -8.29 1.58
C LEU A 95 -4.03 -8.92 1.55
N PRO A 96 -2.98 -8.16 1.90
CA PRO A 96 -1.63 -8.74 1.83
C PRO A 96 -1.32 -9.71 2.97
N ILE A 97 -0.91 -10.95 2.59
CA ILE A 97 -0.45 -12.04 3.46
C ILE A 97 1.02 -11.76 3.82
N LEU A 98 1.34 -11.74 5.12
CA LEU A 98 2.70 -11.46 5.60
C LEU A 98 3.50 -12.73 5.94
N GLY A 99 2.80 -13.81 6.28
CA GLY A 99 3.46 -15.07 6.60
C GLY A 99 2.52 -16.18 7.00
N ILE A 100 3.12 -17.24 7.56
CA ILE A 100 2.45 -18.46 8.02
C ILE A 100 2.90 -18.81 9.44
N CYS A 101 1.95 -19.26 10.28
CA CYS A 101 2.18 -19.76 11.63
C CYS A 101 2.10 -21.30 11.56
N ASN A 102 3.20 -22.01 11.90
CA ASN A 102 3.25 -23.48 11.85
C ASN A 102 3.12 -24.12 13.24
N LEU A 107 -2.45 -23.83 13.25
CA LEU A 107 -1.91 -23.30 11.99
C LEU A 107 -2.66 -22.02 11.58
N GLY A 108 -1.94 -20.89 11.52
CA GLY A 108 -2.53 -19.60 11.18
C GLY A 108 -1.91 -18.83 10.01
N ILE A 109 -2.70 -17.93 9.42
CA ILE A 109 -2.25 -17.07 8.30
C ILE A 109 -2.14 -15.62 8.79
N VAL A 110 -0.91 -15.06 8.74
CA VAL A 110 -0.66 -13.67 9.17
C VAL A 110 -0.87 -12.69 7.96
N THR A 111 -1.67 -11.66 8.16
CA THR A 111 -1.93 -10.64 7.14
C THR A 111 -1.75 -9.25 7.76
N GLU A 112 -1.95 -8.20 6.97
CA GLU A 112 -1.88 -6.84 7.47
C GLU A 112 -3.16 -6.55 8.22
N TYR A 113 -3.08 -5.65 9.20
CA TYR A 113 -4.26 -5.30 9.95
C TYR A 113 -4.94 -4.11 9.24
N MET A 114 -6.23 -4.25 8.94
CA MET A 114 -7.01 -3.20 8.28
C MET A 114 -7.67 -2.39 9.40
N PRO A 115 -7.10 -1.23 9.74
CA PRO A 115 -7.63 -0.47 10.88
C PRO A 115 -9.08 -0.04 10.82
N ASN A 116 -9.64 0.09 9.62
CA ASN A 116 -10.96 0.67 9.45
C ASN A 116 -12.07 -0.34 9.22
N GLY A 117 -11.75 -1.60 9.50
CA GLY A 117 -12.71 -2.68 9.42
C GLY A 117 -13.24 -2.94 8.03
N SER A 118 -14.55 -3.16 7.93
CA SER A 118 -15.24 -3.51 6.69
C SER A 118 -16.13 -2.40 6.15
N LEU A 119 -16.48 -2.56 4.87
CA LEU A 119 -17.35 -1.66 4.14
C LEU A 119 -18.76 -1.65 4.80
N ASN A 120 -19.22 -2.81 5.31
CA ASN A 120 -20.47 -2.94 6.07
C ASN A 120 -20.55 -1.93 7.19
N GLU A 121 -19.50 -1.84 8.05
CA GLU A 121 -19.46 -0.89 9.16
C GLU A 121 -19.64 0.52 8.62
N LEU A 122 -18.80 0.96 7.61
CA LEU A 122 -18.86 2.30 7.01
C LEU A 122 -20.26 2.69 6.52
N LEU A 123 -20.93 1.75 5.85
CA LEU A 123 -22.23 1.99 5.26
C LEU A 123 -23.36 2.10 6.24
N HIS A 124 -23.34 1.25 7.27
CA HIS A 124 -24.46 1.08 8.19
C HIS A 124 -24.29 1.68 9.59
N ARG A 125 -23.08 2.07 10.00
CA ARG A 125 -22.87 2.78 11.26
C ARG A 125 -23.04 4.28 10.93
N LYS A 126 -24.28 4.71 10.70
CA LYS A 126 -24.65 6.09 10.31
C LYS A 126 -24.44 7.16 11.42
N THR A 127 -24.17 6.71 12.65
CA THR A 127 -23.97 7.59 13.80
C THR A 127 -22.46 7.93 13.90
N GLU A 128 -21.61 6.91 13.76
CA GLU A 128 -20.15 7.04 13.72
C GLU A 128 -19.77 7.76 12.39
N TYR A 129 -20.54 7.48 11.30
CA TYR A 129 -20.30 8.01 9.97
C TYR A 129 -21.57 8.60 9.32
N PRO A 130 -22.03 9.79 9.74
CA PRO A 130 -23.25 10.35 9.11
C PRO A 130 -23.04 10.81 7.67
N ASP A 131 -21.80 11.08 7.29
CA ASP A 131 -21.52 11.57 5.96
C ASP A 131 -20.41 10.79 5.31
N VAL A 132 -20.71 10.15 4.18
CA VAL A 132 -19.78 9.39 3.36
C VAL A 132 -19.96 9.97 1.94
N ALA A 133 -19.09 10.90 1.60
CA ALA A 133 -19.10 11.60 0.33
C ALA A 133 -18.99 10.66 -0.87
N TRP A 134 -19.65 11.03 -1.97
CA TRP A 134 -19.65 10.32 -3.24
C TRP A 134 -18.27 9.99 -3.79
N PRO A 135 -17.27 10.92 -3.82
CA PRO A 135 -15.94 10.54 -4.36
C PRO A 135 -15.38 9.25 -3.73
N LEU A 136 -15.51 9.11 -2.39
CA LEU A 136 -15.03 7.92 -1.72
C LEU A 136 -15.85 6.66 -2.04
N ARG A 137 -17.19 6.78 -2.08
CA ARG A 137 -18.08 5.65 -2.45
C ARG A 137 -17.74 5.12 -3.85
N PHE A 138 -17.46 6.04 -4.78
CA PHE A 138 -17.07 5.66 -6.15
C PHE A 138 -15.64 5.06 -6.20
N ARG A 139 -14.70 5.55 -5.36
CA ARG A 139 -13.34 4.99 -5.30
C ARG A 139 -13.42 3.54 -4.75
N ILE A 140 -14.22 3.32 -3.66
CA ILE A 140 -14.48 1.98 -3.11
C ILE A 140 -15.00 1.04 -4.22
N LEU A 141 -16.09 1.42 -4.90
CA LEU A 141 -16.64 0.64 -6.02
C LEU A 141 -15.63 0.36 -7.12
N HIS A 142 -14.77 1.36 -7.44
CA HIS A 142 -13.74 1.19 -8.46
C HIS A 142 -12.72 0.15 -8.03
N GLU A 143 -12.18 0.31 -6.81
CA GLU A 143 -11.19 -0.57 -6.20
C GLU A 143 -11.69 -2.02 -5.95
N ILE A 144 -13.02 -2.23 -5.70
CA ILE A 144 -13.60 -3.57 -5.57
C ILE A 144 -13.50 -4.23 -6.94
N ALA A 145 -13.99 -3.56 -7.99
CA ALA A 145 -13.94 -4.05 -9.35
C ALA A 145 -12.50 -4.37 -9.80
N LEU A 146 -11.51 -3.52 -9.40
CA LEU A 146 -10.10 -3.79 -9.74
C LEU A 146 -9.57 -5.08 -9.10
N GLY A 147 -9.85 -5.28 -7.82
CA GLY A 147 -9.40 -6.43 -7.06
C GLY A 147 -9.96 -7.73 -7.60
N VAL A 148 -11.31 -7.76 -7.81
CA VAL A 148 -12.04 -8.90 -8.39
C VAL A 148 -11.50 -9.18 -9.80
N ASN A 149 -11.33 -8.13 -10.62
CA ASN A 149 -10.83 -8.26 -11.99
C ASN A 149 -9.47 -8.90 -12.06
N TYR A 150 -8.58 -8.61 -11.08
CA TYR A 150 -7.23 -9.15 -11.01
C TYR A 150 -7.32 -10.66 -10.74
N LEU A 151 -8.15 -11.03 -9.75
CA LEU A 151 -8.40 -12.41 -9.37
C LEU A 151 -8.86 -13.19 -10.60
N HIS A 152 -9.93 -12.72 -11.25
CA HIS A 152 -10.49 -13.33 -12.46
C HIS A 152 -9.43 -13.43 -13.61
N ASN A 153 -8.39 -12.58 -13.60
CA ASN A 153 -7.36 -12.54 -14.63
C ASN A 153 -6.14 -13.45 -14.39
N MET A 154 -6.14 -14.18 -13.27
CA MET A 154 -5.05 -15.09 -12.92
C MET A 154 -5.09 -16.37 -13.74
N THR A 155 -4.01 -17.18 -13.63
CA THR A 155 -3.88 -18.49 -14.26
C THR A 155 -3.57 -19.52 -13.14
N PRO A 156 -4.60 -20.30 -12.71
CA PRO A 156 -5.98 -20.33 -13.22
C PRO A 156 -6.84 -19.18 -12.65
N PRO A 157 -7.93 -18.75 -13.37
CA PRO A 157 -8.77 -17.68 -12.83
C PRO A 157 -9.31 -18.09 -11.46
N LEU A 158 -8.98 -17.26 -10.47
CA LEU A 158 -9.39 -17.44 -9.11
C LEU A 158 -10.64 -16.59 -8.88
N LEU A 159 -11.77 -17.23 -8.59
CA LEU A 159 -13.04 -16.57 -8.32
C LEU A 159 -13.26 -16.56 -6.79
N HIS A 160 -13.76 -15.44 -6.23
CA HIS A 160 -13.96 -15.23 -4.79
C HIS A 160 -15.14 -16.06 -4.27
N HIS A 161 -16.30 -15.94 -4.95
CA HIS A 161 -17.56 -16.65 -4.73
C HIS A 161 -18.18 -16.42 -3.36
N ASP A 162 -17.66 -15.44 -2.58
CA ASP A 162 -18.25 -15.08 -1.30
C ASP A 162 -18.07 -13.56 -1.06
N LEU A 163 -18.37 -12.75 -2.09
CA LEU A 163 -18.24 -11.31 -1.96
C LEU A 163 -19.39 -10.74 -1.22
N LYS A 164 -19.07 -9.92 -0.23
CA LYS A 164 -20.06 -9.25 0.62
C LYS A 164 -19.42 -8.04 1.20
N THR A 165 -20.23 -7.03 1.59
CA THR A 165 -19.71 -5.80 2.20
C THR A 165 -18.90 -6.09 3.47
N GLN A 166 -19.21 -7.20 4.18
CA GLN A 166 -18.51 -7.62 5.40
C GLN A 166 -17.05 -7.95 5.17
N ASN A 167 -16.68 -8.46 3.98
CA ASN A 167 -15.30 -8.82 3.70
C ASN A 167 -14.62 -7.86 2.69
N ILE A 168 -15.16 -6.65 2.52
CA ILE A 168 -14.52 -5.60 1.74
C ILE A 168 -13.85 -4.79 2.86
N LEU A 169 -12.56 -5.06 3.13
CA LEU A 169 -11.85 -4.39 4.22
C LEU A 169 -11.37 -2.99 3.83
N LEU A 170 -11.11 -2.11 4.83
CA LEU A 170 -10.69 -0.73 4.61
C LEU A 170 -9.37 -0.38 5.28
N ASP A 171 -8.32 -0.05 4.51
CA ASP A 171 -7.03 0.31 5.13
C ASP A 171 -7.09 1.71 5.81
N ASN A 172 -5.97 2.20 6.38
CA ASN A 172 -5.91 3.50 7.08
C ASN A 172 -6.25 4.70 6.23
N GLU A 173 -6.27 4.51 4.92
CA GLU A 173 -6.57 5.62 4.01
C GLU A 173 -7.88 5.38 3.31
N PHE A 174 -8.60 4.35 3.76
CA PHE A 174 -9.90 3.92 3.28
C PHE A 174 -9.82 3.35 1.88
N HIS A 175 -8.72 2.65 1.59
CA HIS A 175 -8.60 1.93 0.35
C HIS A 175 -9.03 0.52 0.64
N VAL A 176 -9.67 -0.08 -0.36
CA VAL A 176 -10.22 -1.43 -0.32
C VAL A 176 -9.12 -2.49 -0.36
N LYS A 177 -9.31 -3.57 0.41
CA LYS A 177 -8.54 -4.81 0.37
C LYS A 177 -9.60 -5.90 0.47
N ILE A 178 -9.68 -6.72 -0.57
CA ILE A 178 -10.59 -7.86 -0.68
C ILE A 178 -9.97 -8.99 0.13
N ALA A 179 -10.79 -9.67 0.94
CA ALA A 179 -10.41 -10.77 1.84
C ALA A 179 -11.52 -11.82 1.92
N ASP A 180 -11.22 -12.97 2.59
CA ASP A 180 -12.18 -14.03 2.93
C ASP A 180 -12.72 -14.75 1.70
N PHE A 181 -11.83 -15.32 0.87
CA PHE A 181 -12.18 -16.03 -0.39
C PHE A 181 -13.19 -17.20 -0.23
N GLY A 204 -23.13 -17.30 5.97
CA GLY A 204 -24.33 -16.98 6.74
C GLY A 204 -25.41 -16.23 5.96
N THR A 205 -24.99 -15.22 5.13
CA THR A 205 -25.91 -14.37 4.35
C THR A 205 -26.02 -14.82 2.87
N ILE A 206 -27.18 -14.52 2.25
CA ILE A 206 -27.53 -14.92 0.89
C ILE A 206 -27.96 -13.75 -0.01
N ILE A 207 -28.01 -12.52 0.55
CA ILE A 207 -28.46 -11.32 -0.20
C ILE A 207 -27.55 -10.98 -1.40
N TYR A 208 -26.32 -11.52 -1.44
CA TYR A 208 -25.33 -11.29 -2.50
C TYR A 208 -25.15 -12.49 -3.44
N MET A 209 -25.82 -13.59 -3.14
CA MET A 209 -25.75 -14.83 -3.90
C MET A 209 -26.68 -14.80 -5.11
N PRO A 210 -26.15 -15.13 -6.32
CA PRO A 210 -27.02 -15.18 -7.53
C PRO A 210 -28.07 -16.29 -7.42
N PRO A 211 -29.30 -16.08 -7.96
CA PRO A 211 -30.37 -17.11 -7.83
C PRO A 211 -30.00 -18.53 -8.24
N GLU A 212 -29.27 -18.68 -9.36
CA GLU A 212 -28.83 -19.96 -9.89
C GLU A 212 -27.91 -20.75 -8.96
N ASN A 213 -27.50 -20.15 -7.83
CA ASN A 213 -26.59 -20.79 -6.87
C ASN A 213 -27.36 -21.49 -5.74
N TYR A 214 -28.70 -21.31 -5.68
CA TYR A 214 -29.55 -21.96 -4.66
C TYR A 214 -29.70 -23.45 -4.96
N ALA A 222 -18.50 -22.62 -9.58
CA ALA A 222 -18.52 -23.16 -10.96
C ALA A 222 -18.98 -22.13 -12.06
N SER A 223 -19.27 -20.86 -11.67
CA SER A 223 -19.73 -19.80 -12.59
C SER A 223 -18.89 -18.53 -12.48
N ILE A 224 -18.36 -18.07 -13.63
CA ILE A 224 -17.59 -16.83 -13.71
C ILE A 224 -18.51 -15.59 -13.52
N LYS A 225 -19.85 -15.78 -13.59
CA LYS A 225 -20.86 -14.74 -13.44
C LYS A 225 -21.48 -14.65 -12.01
N HIS A 226 -20.79 -15.20 -11.00
CA HIS A 226 -21.26 -15.18 -9.61
C HIS A 226 -20.88 -13.81 -9.00
N ASP A 227 -19.56 -13.49 -8.93
CA ASP A 227 -18.98 -12.28 -8.33
C ASP A 227 -19.59 -10.97 -8.85
N ILE A 228 -20.02 -10.93 -10.14
CA ILE A 228 -20.63 -9.72 -10.71
C ILE A 228 -22.01 -9.46 -10.08
N TYR A 229 -22.74 -10.55 -9.73
CA TYR A 229 -24.04 -10.47 -9.06
C TYR A 229 -23.86 -9.83 -7.67
N SER A 230 -22.87 -10.34 -6.90
CA SER A 230 -22.49 -9.87 -5.58
C SER A 230 -22.11 -8.39 -5.69
N TYR A 231 -21.26 -8.05 -6.68
CA TYR A 231 -20.82 -6.70 -6.98
C TYR A 231 -22.00 -5.75 -7.28
N ALA A 232 -23.00 -6.22 -8.06
CA ALA A 232 -24.16 -5.39 -8.35
C ALA A 232 -25.00 -5.06 -7.08
N VAL A 233 -25.09 -6.02 -6.12
CA VAL A 233 -25.80 -5.87 -4.84
C VAL A 233 -25.02 -4.91 -3.94
N ILE A 234 -23.69 -5.12 -3.82
CA ILE A 234 -22.79 -4.25 -3.06
C ILE A 234 -22.90 -2.79 -3.56
N THR A 235 -22.93 -2.60 -4.90
CA THR A 235 -23.05 -1.28 -5.54
C THR A 235 -24.34 -0.62 -5.10
N TRP A 236 -25.47 -1.38 -5.14
CA TRP A 236 -26.79 -0.90 -4.75
C TRP A 236 -26.73 -0.40 -3.30
N GLU A 237 -26.11 -1.20 -2.41
CA GLU A 237 -25.92 -0.93 -0.99
C GLU A 237 -25.07 0.29 -0.74
N VAL A 238 -23.93 0.44 -1.47
CA VAL A 238 -23.01 1.60 -1.32
C VAL A 238 -23.75 2.91 -1.65
N LEU A 239 -24.49 2.88 -2.74
CA LEU A 239 -25.22 4.05 -3.21
C LEU A 239 -26.49 4.40 -2.40
N SER A 240 -27.08 3.44 -1.67
CA SER A 240 -28.30 3.70 -0.91
C SER A 240 -28.09 3.81 0.58
N ARG A 241 -27.03 3.13 1.12
CA ARG A 241 -26.71 2.97 2.55
C ARG A 241 -27.90 2.22 3.27
N LYS A 242 -28.71 1.47 2.47
CA LYS A 242 -29.87 0.70 2.90
C LYS A 242 -29.46 -0.74 2.99
N GLN A 243 -30.13 -1.51 3.87
CA GLN A 243 -29.86 -2.93 3.95
C GLN A 243 -30.75 -3.56 2.88
N PRO A 244 -30.17 -4.33 1.93
CA PRO A 244 -30.99 -4.92 0.86
C PRO A 244 -32.00 -5.90 1.46
N PHE A 245 -33.28 -5.81 1.00
CA PHE A 245 -34.41 -6.62 1.53
C PHE A 245 -34.51 -6.38 3.06
N GLU A 246 -34.58 -5.09 3.39
CA GLU A 246 -34.65 -4.48 4.71
C GLU A 246 -35.88 -5.04 5.47
N ASP A 247 -37.06 -5.02 4.81
CA ASP A 247 -38.35 -5.48 5.32
C ASP A 247 -38.55 -7.00 5.28
N VAL A 248 -37.52 -7.76 4.84
CA VAL A 248 -37.63 -9.23 4.76
C VAL A 248 -36.79 -9.89 5.86
N THR A 249 -37.49 -10.38 6.88
CA THR A 249 -36.88 -11.04 8.04
C THR A 249 -36.38 -12.45 7.69
N ASN A 250 -37.27 -13.31 7.13
CA ASN A 250 -36.89 -14.67 6.76
C ASN A 250 -35.99 -14.70 5.52
N PRO A 251 -34.77 -15.27 5.63
CA PRO A 251 -33.91 -15.39 4.44
C PRO A 251 -34.47 -16.32 3.35
N LEU A 252 -35.41 -17.20 3.68
CA LEU A 252 -35.99 -18.08 2.67
C LEU A 252 -36.98 -17.30 1.80
N GLN A 253 -37.56 -16.23 2.38
CA GLN A 253 -38.47 -15.35 1.65
C GLN A 253 -37.71 -14.44 0.69
N ILE A 254 -36.41 -14.15 1.01
CA ILE A 254 -35.52 -13.37 0.13
C ILE A 254 -35.24 -14.30 -1.04
N MET A 255 -34.71 -15.50 -0.75
CA MET A 255 -34.40 -16.57 -1.69
C MET A 255 -35.53 -16.87 -2.65
N TYR A 256 -36.78 -16.76 -2.19
CA TYR A 256 -37.92 -17.01 -3.05
C TYR A 256 -38.17 -15.80 -3.96
N SER A 257 -38.08 -14.56 -3.43
CA SER A 257 -38.28 -13.34 -4.25
C SER A 257 -37.21 -13.18 -5.34
N VAL A 258 -35.96 -13.63 -5.06
CA VAL A 258 -34.82 -13.57 -5.97
C VAL A 258 -34.96 -14.61 -7.09
N SER A 259 -35.37 -15.85 -6.72
CA SER A 259 -35.61 -16.94 -7.68
C SER A 259 -36.66 -16.51 -8.71
N GLN A 260 -37.57 -15.59 -8.30
CA GLN A 260 -38.67 -15.01 -9.10
C GLN A 260 -38.28 -13.71 -9.85
N GLY A 261 -37.00 -13.32 -9.79
CA GLY A 261 -36.50 -12.11 -10.44
C GLY A 261 -36.70 -10.78 -9.75
N HIS A 262 -37.07 -10.79 -8.46
CA HIS A 262 -37.25 -9.55 -7.69
C HIS A 262 -35.91 -9.19 -7.09
N ARG A 263 -35.61 -7.89 -7.05
CA ARG A 263 -34.31 -7.39 -6.59
C ARG A 263 -34.47 -6.21 -5.65
N PRO A 264 -33.40 -5.78 -4.88
CA PRO A 264 -33.54 -4.55 -4.07
C PRO A 264 -34.15 -3.43 -4.92
N VAL A 265 -35.02 -2.64 -4.32
CA VAL A 265 -35.78 -1.64 -5.05
C VAL A 265 -34.94 -0.47 -5.57
N ILE A 266 -35.21 -0.08 -6.81
CA ILE A 266 -34.62 1.11 -7.42
C ILE A 266 -35.77 2.10 -7.62
N ASN A 267 -35.68 3.24 -6.93
CA ASN A 267 -36.59 4.40 -6.95
C ASN A 267 -35.84 5.60 -6.30
N GLU A 268 -36.50 6.75 -6.11
CA GLU A 268 -35.88 7.93 -5.49
C GLU A 268 -35.66 7.78 -4.00
N GLU A 269 -36.48 6.99 -3.29
CA GLU A 269 -36.30 6.79 -1.86
C GLU A 269 -35.01 5.98 -1.56
N SER A 270 -34.72 4.93 -2.37
CA SER A 270 -33.49 4.13 -2.20
C SER A 270 -32.30 4.81 -2.86
N LEU A 271 -32.44 5.18 -4.15
CA LEU A 271 -31.39 5.83 -4.90
C LEU A 271 -31.82 7.24 -5.31
N PRO A 272 -31.48 8.26 -4.50
CA PRO A 272 -31.91 9.64 -4.84
C PRO A 272 -31.34 10.16 -6.16
N TYR A 273 -31.96 11.22 -6.72
CA TYR A 273 -31.51 11.83 -7.96
C TYR A 273 -30.17 12.56 -7.85
N ASP A 274 -29.74 12.96 -6.61
CA ASP A 274 -28.46 13.67 -6.37
C ASP A 274 -27.19 12.82 -6.58
N ILE A 275 -27.35 11.50 -6.82
CA ILE A 275 -26.24 10.56 -7.04
C ILE A 275 -25.51 10.94 -8.32
N PRO A 276 -24.20 11.18 -8.26
CA PRO A 276 -23.44 11.42 -9.49
C PRO A 276 -23.54 10.19 -10.38
N HIS A 277 -23.82 10.40 -11.69
CA HIS A 277 -23.91 9.41 -12.77
C HIS A 277 -24.93 8.32 -12.50
N ARG A 278 -26.01 8.68 -11.76
CA ARG A 278 -27.12 7.84 -11.32
C ARG A 278 -27.63 6.86 -12.37
N ALA A 279 -28.00 7.35 -13.57
CA ALA A 279 -28.55 6.52 -14.65
C ALA A 279 -27.59 5.42 -15.04
N ARG A 280 -26.27 5.76 -15.18
CA ARG A 280 -25.25 4.77 -15.58
C ARG A 280 -25.03 3.68 -14.52
N MET A 281 -25.07 4.10 -13.23
CA MET A 281 -24.89 3.22 -12.08
C MET A 281 -26.05 2.26 -12.04
N ILE A 282 -27.30 2.77 -12.18
CA ILE A 282 -28.50 1.94 -12.25
C ILE A 282 -28.38 0.87 -13.32
N SER A 283 -28.01 1.27 -14.56
CA SER A 283 -27.90 0.32 -15.67
C SER A 283 -26.78 -0.72 -15.44
N LEU A 284 -25.72 -0.37 -14.70
CA LEU A 284 -24.60 -1.24 -14.32
C LEU A 284 -25.14 -2.27 -13.31
N ILE A 285 -25.84 -1.80 -12.23
CA ILE A 285 -26.49 -2.59 -11.18
C ILE A 285 -27.46 -3.61 -11.82
N GLU A 286 -28.41 -3.11 -12.63
CA GLU A 286 -29.45 -3.92 -13.31
C GLU A 286 -28.86 -4.97 -14.23
N SER A 287 -27.78 -4.63 -14.94
CA SER A 287 -27.12 -5.62 -15.80
C SER A 287 -26.33 -6.63 -14.97
N GLY A 288 -25.75 -6.16 -13.88
CA GLY A 288 -24.97 -6.99 -12.96
C GLY A 288 -25.80 -8.03 -12.23
N TRP A 289 -27.02 -7.65 -11.74
CA TRP A 289 -27.91 -8.58 -11.05
C TRP A 289 -29.00 -9.21 -11.95
N ALA A 290 -28.77 -9.27 -13.28
CA ALA A 290 -29.69 -9.87 -14.25
C ALA A 290 -29.92 -11.33 -13.94
N GLN A 291 -31.16 -11.80 -14.14
CA GLN A 291 -31.54 -13.20 -13.90
C GLN A 291 -30.70 -14.18 -14.71
N ASN A 292 -30.49 -13.87 -16.01
CA ASN A 292 -29.69 -14.67 -16.94
C ASN A 292 -28.17 -14.39 -16.73
N PRO A 293 -27.40 -15.35 -16.19
CA PRO A 293 -25.97 -15.10 -15.97
C PRO A 293 -25.22 -14.54 -17.17
N ASP A 294 -25.58 -14.99 -18.39
CA ASP A 294 -24.96 -14.62 -19.66
C ASP A 294 -25.19 -13.17 -20.04
N GLU A 295 -26.20 -12.52 -19.44
CA GLU A 295 -26.51 -11.11 -19.70
C GLU A 295 -25.75 -10.17 -18.76
N ARG A 296 -24.99 -10.74 -17.81
CA ARG A 296 -24.22 -9.99 -16.82
C ARG A 296 -22.84 -9.61 -17.38
N PRO A 297 -22.31 -8.41 -17.08
CA PRO A 297 -21.01 -8.03 -17.65
C PRO A 297 -19.80 -8.70 -17.03
N SER A 298 -18.66 -8.67 -17.75
CA SER A 298 -17.35 -9.09 -17.24
C SER A 298 -16.89 -7.89 -16.38
N PHE A 299 -15.88 -8.07 -15.52
CA PHE A 299 -15.31 -6.99 -14.72
C PHE A 299 -14.58 -6.00 -15.63
N LEU A 300 -14.06 -6.46 -16.80
CA LEU A 300 -13.46 -5.59 -17.82
C LEU A 300 -14.51 -4.58 -18.34
N LYS A 301 -15.69 -5.06 -18.80
CA LYS A 301 -16.73 -4.15 -19.32
C LYS A 301 -17.17 -3.18 -18.24
N CYS A 302 -17.30 -3.70 -17.04
CA CYS A 302 -17.72 -2.94 -15.88
C CYS A 302 -16.65 -1.88 -15.46
N LEU A 303 -15.35 -2.20 -15.61
CA LEU A 303 -14.28 -1.25 -15.32
C LEU A 303 -14.19 -0.20 -16.41
N ILE A 304 -14.41 -0.60 -17.70
CA ILE A 304 -14.47 0.31 -18.85
C ILE A 304 -15.61 1.35 -18.63
N GLU A 305 -16.79 0.94 -18.15
CA GLU A 305 -17.90 1.84 -17.78
C GLU A 305 -17.59 2.78 -16.60
N LEU A 306 -16.85 2.30 -15.58
CA LEU A 306 -16.47 3.08 -14.37
C LEU A 306 -15.37 4.12 -14.57
N GLU A 307 -14.35 3.85 -15.41
CA GLU A 307 -13.20 4.74 -15.64
C GLU A 307 -13.64 6.18 -15.97
N PRO A 308 -14.57 6.44 -16.94
CA PRO A 308 -15.02 7.83 -17.16
C PRO A 308 -15.71 8.52 -15.98
N VAL A 309 -16.47 7.77 -15.16
CA VAL A 309 -17.16 8.29 -13.97
C VAL A 309 -16.13 8.82 -12.96
N LEU A 310 -15.11 7.98 -12.62
CA LEU A 310 -14.07 8.33 -11.66
C LEU A 310 -13.23 9.53 -12.08
N ARG A 311 -13.04 9.73 -13.38
CA ARG A 311 -12.29 10.87 -13.96
C ARG A 311 -12.92 12.24 -13.64
N THR A 312 -14.24 12.27 -13.35
CA THR A 312 -15.04 13.46 -13.03
C THR A 312 -14.81 13.98 -11.59
N PHE A 313 -14.00 13.27 -10.77
CA PHE A 313 -13.71 13.65 -9.39
C PHE A 313 -12.27 14.09 -9.30
N GLU A 314 -12.03 15.28 -8.74
CA GLU A 314 -10.68 15.80 -8.55
C GLU A 314 -9.99 15.03 -7.39
N GLU A 315 -8.67 14.76 -7.49
CA GLU A 315 -7.98 13.99 -6.45
C GLU A 315 -8.27 14.47 -5.00
N ILE A 316 -8.23 15.80 -4.75
CA ILE A 316 -8.46 16.43 -3.43
C ILE A 316 -9.84 16.07 -2.83
N THR A 317 -10.84 15.76 -3.67
CA THR A 317 -12.17 15.44 -3.15
C THR A 317 -12.18 14.11 -2.42
N PHE A 318 -11.27 13.17 -2.80
CA PHE A 318 -11.21 11.87 -2.11
C PHE A 318 -10.57 12.09 -0.74
N LEU A 319 -9.50 12.90 -0.71
CA LEU A 319 -8.79 13.24 0.52
C LEU A 319 -9.70 13.96 1.51
N GLU A 320 -10.50 14.90 1.00
CA GLU A 320 -11.48 15.68 1.78
C GLU A 320 -12.61 14.79 2.30
N ALA A 321 -12.95 13.73 1.54
CA ALA A 321 -14.00 12.78 1.91
C ALA A 321 -13.58 11.96 3.10
N VAL A 322 -12.28 11.54 3.14
CA VAL A 322 -11.68 10.73 4.20
C VAL A 322 -11.50 11.53 5.47
N ILE A 323 -10.98 12.78 5.36
CA ILE A 323 -10.73 13.66 6.50
C ILE A 323 -12.04 13.93 7.21
N GLN A 324 -13.14 13.95 6.43
CA GLN A 324 -14.51 14.14 6.91
C GLN A 324 -14.95 12.97 7.78
N LEU A 325 -14.38 11.78 7.59
CA LEU A 325 -14.70 10.59 8.39
C LEU A 325 -13.92 10.54 9.73
N LYS A 326 -12.74 11.23 9.77
CA LYS A 326 -11.83 11.29 10.92
C LYS A 326 -12.12 12.49 11.82
N SER B 24 3.25 -18.43 -4.20
CA SER B 24 4.41 -17.55 -4.13
C SER B 24 4.93 -17.06 -5.52
N ALA B 25 4.16 -17.32 -6.60
CA ALA B 25 4.49 -17.02 -8.00
C ALA B 25 4.48 -15.55 -8.42
N LEU B 26 5.47 -15.19 -9.25
CA LEU B 26 5.66 -13.87 -9.82
C LEU B 26 5.20 -13.92 -11.30
N PRO B 27 4.13 -13.19 -11.69
CA PRO B 27 3.63 -13.30 -13.07
C PRO B 27 4.50 -12.73 -14.19
N THR B 28 4.31 -13.25 -15.42
CA THR B 28 5.07 -12.71 -16.54
C THR B 28 4.17 -11.75 -17.28
N ILE B 29 4.69 -10.56 -17.54
CA ILE B 29 3.88 -9.52 -18.17
C ILE B 29 4.31 -9.27 -19.64
N PRO B 30 3.45 -9.54 -20.65
CA PRO B 30 3.83 -9.22 -22.03
C PRO B 30 3.90 -7.70 -22.20
N TYR B 31 5.04 -7.19 -22.69
CA TYR B 31 5.29 -5.76 -22.90
C TYR B 31 4.17 -5.02 -23.61
N HIS B 32 3.45 -5.71 -24.52
CA HIS B 32 2.35 -5.10 -25.28
C HIS B 32 1.09 -4.86 -24.40
N LYS B 33 0.97 -5.58 -23.26
CA LYS B 33 -0.11 -5.42 -22.29
C LYS B 33 0.02 -4.06 -21.54
N LEU B 34 1.19 -3.36 -21.67
CA LEU B 34 1.52 -2.05 -21.09
C LEU B 34 1.22 -0.90 -22.05
N ALA B 35 0.13 -0.16 -21.81
CA ALA B 35 -0.27 0.99 -22.63
C ALA B 35 0.34 2.27 -22.06
N ASP B 36 -0.05 3.44 -22.59
CA ASP B 36 0.38 4.82 -22.28
C ASP B 36 1.76 4.98 -21.62
N LEU B 37 2.80 4.29 -22.16
CA LEU B 37 4.17 4.39 -21.62
C LEU B 37 4.72 5.83 -21.71
N ARG B 38 5.24 6.35 -20.57
CA ARG B 38 5.83 7.69 -20.42
C ARG B 38 7.06 7.63 -19.52
N TYR B 39 8.20 8.16 -20.01
CA TYR B 39 9.49 8.21 -19.33
C TYR B 39 9.41 8.97 -18.01
N LEU B 40 9.99 8.40 -16.94
CA LEU B 40 10.05 9.03 -15.60
C LEU B 40 11.47 9.51 -15.35
N SER B 41 12.42 8.56 -15.16
CA SER B 41 13.81 8.86 -14.90
C SER B 41 14.80 7.78 -15.40
N ARG B 42 15.94 8.24 -15.93
CA ARG B 42 17.03 7.38 -16.39
C ARG B 42 18.08 7.38 -15.29
N GLY B 43 18.38 6.19 -14.79
CA GLY B 43 19.36 5.99 -13.74
C GLY B 43 20.36 4.90 -14.07
N ALA B 44 21.30 4.66 -13.16
CA ALA B 44 22.34 3.63 -13.32
C ALA B 44 21.72 2.25 -13.58
N SER B 45 20.76 1.85 -12.72
CA SER B 45 19.97 0.59 -12.75
C SER B 45 19.20 0.37 -14.07
N GLY B 46 18.71 1.46 -14.65
CA GLY B 46 17.98 1.43 -15.91
C GLY B 46 17.03 2.60 -16.08
N THR B 47 16.18 2.51 -17.10
CA THR B 47 15.18 3.54 -17.37
C THR B 47 13.85 3.18 -16.67
N VAL B 48 13.20 4.17 -16.06
CA VAL B 48 11.94 3.96 -15.38
C VAL B 48 10.85 4.73 -16.13
N SER B 49 9.71 4.06 -16.41
CA SER B 49 8.58 4.65 -17.11
C SER B 49 7.27 4.31 -16.39
N SER B 50 6.23 5.12 -16.59
CA SER B 50 4.88 4.87 -16.07
C SER B 50 3.99 4.35 -17.22
N ALA B 51 3.34 3.22 -17.03
CA ALA B 51 2.46 2.62 -18.02
C ALA B 51 1.15 2.30 -17.35
N ARG B 52 0.23 1.69 -18.09
CA ARG B 52 -0.99 1.15 -17.53
C ARG B 52 -1.15 -0.24 -18.06
N HIS B 53 -1.43 -1.21 -17.20
CA HIS B 53 -1.68 -2.58 -17.62
C HIS B 53 -3.10 -2.59 -18.21
N ALA B 54 -3.27 -3.01 -19.49
CA ALA B 54 -4.56 -3.01 -20.19
C ALA B 54 -5.54 -4.02 -19.62
N ASP B 55 -5.01 -5.04 -18.92
CA ASP B 55 -5.85 -6.07 -18.30
C ASP B 55 -6.22 -5.71 -16.86
N TRP B 56 -5.22 -5.22 -16.09
CA TRP B 56 -5.41 -4.85 -14.69
C TRP B 56 -6.12 -3.53 -14.50
N ARG B 57 -6.06 -2.66 -15.52
CA ARG B 57 -6.61 -1.32 -15.57
C ARG B 57 -6.00 -0.38 -14.48
N VAL B 58 -4.74 -0.60 -14.13
CA VAL B 58 -4.03 0.20 -13.12
C VAL B 58 -2.75 0.76 -13.74
N GLN B 59 -2.24 1.90 -13.21
CA GLN B 59 -0.95 2.42 -13.65
C GLN B 59 0.09 1.60 -12.90
N VAL B 60 1.18 1.34 -13.59
CA VAL B 60 2.30 0.58 -13.07
C VAL B 60 3.55 1.39 -13.39
N ALA B 61 4.67 0.92 -12.89
CA ALA B 61 5.97 1.49 -13.20
C ALA B 61 6.79 0.35 -13.72
N VAL B 62 7.43 0.60 -14.85
CA VAL B 62 8.24 -0.43 -15.47
C VAL B 62 9.69 0.04 -15.54
N LYS B 63 10.60 -0.77 -14.97
CA LYS B 63 12.03 -0.50 -14.98
C LYS B 63 12.69 -1.35 -16.08
N HIS B 64 13.08 -0.69 -17.18
CA HIS B 64 13.79 -1.34 -18.29
C HIS B 64 15.28 -1.54 -17.95
N LEU B 65 15.72 -2.80 -17.89
CA LEU B 65 17.10 -3.17 -17.61
C LEU B 65 17.81 -3.57 -18.92
N ARG B 76 19.66 -12.85 -17.77
CA ARG B 76 18.24 -13.23 -17.80
C ARG B 76 17.88 -14.10 -16.58
N LYS B 77 18.67 -15.17 -16.33
CA LYS B 77 18.47 -16.08 -15.20
C LYS B 77 18.93 -15.44 -13.89
N ASP B 78 19.93 -14.53 -13.98
CA ASP B 78 20.50 -13.79 -12.86
C ASP B 78 19.42 -12.83 -12.30
N VAL B 79 18.77 -12.09 -13.23
CA VAL B 79 17.69 -11.12 -12.99
C VAL B 79 16.43 -11.78 -12.38
N LEU B 80 15.97 -12.94 -12.91
CA LEU B 80 14.79 -13.63 -12.40
C LEU B 80 14.99 -14.12 -10.97
N ARG B 81 16.27 -14.34 -10.56
CA ARG B 81 16.64 -14.76 -9.21
C ARG B 81 16.58 -13.56 -8.26
N GLU B 82 17.11 -12.39 -8.72
CA GLU B 82 17.13 -11.11 -7.99
C GLU B 82 15.71 -10.62 -7.72
N ALA B 83 14.84 -10.77 -8.74
CA ALA B 83 13.42 -10.43 -8.70
C ALA B 83 12.68 -11.26 -7.64
N GLU B 84 13.02 -12.56 -7.51
CA GLU B 84 12.43 -13.47 -6.51
C GLU B 84 12.93 -13.16 -5.10
N ILE B 85 14.19 -12.68 -4.97
CA ILE B 85 14.79 -12.26 -3.68
C ILE B 85 13.99 -11.06 -3.17
N LEU B 86 13.76 -10.06 -4.06
CA LEU B 86 12.99 -8.86 -3.75
C LEU B 86 11.51 -9.16 -3.60
N HIS B 87 11.01 -10.17 -4.32
CA HIS B 87 9.62 -10.61 -4.24
C HIS B 87 9.30 -11.17 -2.82
N LYS B 88 10.33 -11.64 -2.07
CA LYS B 88 10.20 -12.18 -0.71
C LYS B 88 9.75 -11.09 0.28
N ALA B 89 10.23 -9.84 0.07
CA ALA B 89 9.90 -8.67 0.90
C ALA B 89 8.43 -8.29 0.76
N ARG B 90 7.62 -8.75 1.73
CA ARG B 90 6.19 -8.48 1.80
C ARG B 90 5.93 -7.52 2.97
N PHE B 91 6.12 -6.24 2.71
CA PHE B 91 5.93 -5.26 3.76
C PHE B 91 5.41 -3.99 3.17
N SER B 92 4.51 -3.35 3.93
CA SER B 92 3.83 -2.11 3.60
C SER B 92 4.76 -1.00 3.11
N TYR B 93 5.98 -0.90 3.65
CA TYR B 93 6.91 0.18 3.32
C TYR B 93 8.06 -0.20 2.36
N ILE B 94 7.91 -1.31 1.63
CA ILE B 94 8.83 -1.79 0.59
C ILE B 94 8.01 -1.74 -0.70
N LEU B 95 8.58 -1.21 -1.80
CA LEU B 95 7.87 -1.10 -3.08
C LEU B 95 7.45 -2.50 -3.62
N PRO B 96 6.14 -2.74 -3.82
CA PRO B 96 5.71 -4.06 -4.31
C PRO B 96 6.03 -4.33 -5.79
N ILE B 97 6.61 -5.52 -6.06
CA ILE B 97 6.88 -6.02 -7.41
C ILE B 97 5.60 -6.73 -7.88
N LEU B 98 5.12 -6.34 -9.04
CA LEU B 98 3.88 -6.86 -9.60
C LEU B 98 4.06 -7.92 -10.72
N GLY B 99 5.27 -8.03 -11.25
CA GLY B 99 5.60 -8.95 -12.31
C GLY B 99 6.85 -8.60 -13.09
N ILE B 100 7.35 -9.58 -13.86
CA ILE B 100 8.52 -9.44 -14.72
C ILE B 100 8.15 -9.48 -16.21
N CYS B 101 8.72 -8.53 -16.99
CA CYS B 101 8.60 -8.41 -18.44
C CYS B 101 9.79 -9.19 -19.03
N ASN B 102 9.54 -10.45 -19.47
CA ASN B 102 10.56 -11.37 -20.00
C ASN B 102 10.52 -11.45 -21.55
N GLU B 103 10.85 -10.33 -22.21
CA GLU B 103 10.85 -10.22 -23.66
C GLU B 103 12.24 -10.60 -24.22
N PRO B 104 12.33 -11.07 -25.49
CA PRO B 104 13.67 -11.40 -26.05
C PRO B 104 14.50 -10.16 -26.36
N GLU B 105 13.80 -9.02 -26.57
CA GLU B 105 14.36 -7.71 -26.87
C GLU B 105 14.80 -6.99 -25.58
N PHE B 106 13.89 -6.87 -24.59
CA PHE B 106 14.14 -6.16 -23.32
C PHE B 106 13.82 -7.01 -22.06
N LEU B 107 14.34 -6.58 -20.91
CA LEU B 107 14.09 -7.23 -19.62
C LEU B 107 13.65 -6.16 -18.63
N GLY B 108 12.43 -6.28 -18.13
CA GLY B 108 11.85 -5.30 -17.23
C GLY B 108 11.23 -5.78 -15.93
N ILE B 109 11.21 -4.89 -14.94
CA ILE B 109 10.57 -5.14 -13.64
C ILE B 109 9.37 -4.23 -13.54
N VAL B 110 8.20 -4.84 -13.28
CA VAL B 110 6.96 -4.09 -13.14
C VAL B 110 6.59 -4.01 -11.66
N THR B 111 6.44 -2.78 -11.15
CA THR B 111 6.07 -2.51 -9.75
C THR B 111 4.86 -1.59 -9.73
N GLU B 112 4.34 -1.33 -8.51
CA GLU B 112 3.28 -0.37 -8.30
C GLU B 112 3.81 1.05 -8.65
N TYR B 113 2.95 1.87 -9.22
CA TYR B 113 3.32 3.22 -9.56
C TYR B 113 3.06 4.10 -8.32
N MET B 114 4.12 4.80 -7.87
CA MET B 114 4.09 5.72 -6.73
C MET B 114 3.83 7.08 -7.33
N PRO B 115 2.61 7.62 -7.22
CA PRO B 115 2.31 8.88 -7.89
C PRO B 115 3.00 10.13 -7.37
N ASN B 116 3.61 10.12 -6.16
CA ASN B 116 4.19 11.37 -5.66
C ASN B 116 5.73 11.41 -5.68
N GLY B 117 6.30 10.57 -6.51
CA GLY B 117 7.72 10.55 -6.76
C GLY B 117 8.54 10.19 -5.55
N SER B 118 9.58 10.98 -5.28
CA SER B 118 10.51 10.68 -4.20
C SER B 118 10.48 11.70 -3.08
N LEU B 119 11.10 11.31 -1.97
CA LEU B 119 11.31 12.16 -0.80
C LEU B 119 12.15 13.39 -1.17
N ASN B 120 13.13 13.22 -2.07
CA ASN B 120 13.98 14.29 -2.56
C ASN B 120 13.18 15.42 -3.19
N GLU B 121 12.21 15.10 -4.04
CA GLU B 121 11.37 16.13 -4.67
C GLU B 121 10.53 16.85 -3.61
N LEU B 122 10.01 16.10 -2.60
CA LEU B 122 9.21 16.70 -1.53
C LEU B 122 10.06 17.69 -0.75
N LEU B 123 11.28 17.25 -0.40
CA LEU B 123 12.24 18.03 0.37
C LEU B 123 12.82 19.24 -0.35
N HIS B 124 13.04 19.16 -1.68
CA HIS B 124 13.75 20.24 -2.34
C HIS B 124 12.99 21.01 -3.42
N ARG B 125 11.78 20.62 -3.79
CA ARG B 125 11.04 21.44 -4.75
C ARG B 125 10.19 22.40 -3.91
N LYS B 126 10.85 23.36 -3.23
CA LYS B 126 10.23 24.32 -2.32
C LYS B 126 9.19 25.25 -3.01
N THR B 127 9.19 25.28 -4.36
CA THR B 127 8.17 26.04 -5.10
C THR B 127 6.86 25.24 -5.09
N GLU B 128 6.89 23.96 -5.54
CA GLU B 128 5.76 23.01 -5.56
C GLU B 128 5.27 22.74 -4.12
N TYR B 129 6.21 22.63 -3.15
CA TYR B 129 5.88 22.36 -1.75
C TYR B 129 6.47 23.39 -0.80
N PRO B 130 5.89 24.60 -0.69
CA PRO B 130 6.41 25.59 0.26
C PRO B 130 6.36 25.14 1.72
N ASP B 131 5.28 24.46 2.11
CA ASP B 131 5.08 24.01 3.49
C ASP B 131 4.96 22.49 3.55
N VAL B 132 5.78 21.85 4.38
CA VAL B 132 5.78 20.40 4.63
C VAL B 132 5.75 20.24 6.16
N ALA B 133 4.56 20.11 6.70
CA ALA B 133 4.33 20.01 8.14
C ALA B 133 5.10 18.87 8.84
N TRP B 134 5.54 19.15 10.08
CA TRP B 134 6.26 18.23 10.97
C TRP B 134 5.56 16.87 11.11
N PRO B 135 4.20 16.74 11.22
CA PRO B 135 3.62 15.38 11.36
C PRO B 135 3.95 14.48 10.16
N LEU B 136 3.88 15.01 8.93
CA LEU B 136 4.20 14.22 7.73
C LEU B 136 5.70 13.80 7.74
N ARG B 137 6.63 14.77 8.00
CA ARG B 137 8.08 14.56 8.13
C ARG B 137 8.44 13.43 9.11
N PHE B 138 7.77 13.38 10.25
CA PHE B 138 8.01 12.34 11.24
C PHE B 138 7.35 11.03 10.84
N ARG B 139 6.21 11.11 10.11
CA ARG B 139 5.54 9.89 9.66
C ARG B 139 6.47 9.22 8.62
N ILE B 140 7.06 10.01 7.70
CA ILE B 140 8.02 9.54 6.70
C ILE B 140 9.24 8.85 7.35
N LEU B 141 9.89 9.49 8.36
CA LEU B 141 11.02 8.89 9.06
C LEU B 141 10.69 7.60 9.78
N HIS B 142 9.53 7.54 10.44
CA HIS B 142 9.08 6.35 11.18
C HIS B 142 8.87 5.17 10.22
N GLU B 143 8.24 5.45 9.05
CA GLU B 143 8.02 4.45 7.99
C GLU B 143 9.35 4.05 7.29
N ILE B 144 10.31 4.99 7.07
CA ILE B 144 11.61 4.62 6.50
C ILE B 144 12.29 3.63 7.45
N ALA B 145 12.31 3.95 8.77
CA ALA B 145 12.88 3.11 9.82
C ALA B 145 12.15 1.77 9.94
N LEU B 146 10.81 1.77 9.81
CA LEU B 146 10.02 0.53 9.87
C LEU B 146 10.31 -0.36 8.67
N GLY B 147 10.56 0.27 7.53
CA GLY B 147 10.86 -0.42 6.28
C GLY B 147 12.19 -1.14 6.35
N VAL B 148 13.28 -0.36 6.66
CA VAL B 148 14.64 -0.88 6.79
C VAL B 148 14.75 -1.97 7.88
N ASN B 149 14.14 -1.76 9.07
CA ASN B 149 14.13 -2.75 10.15
C ASN B 149 13.58 -4.08 9.66
N TYR B 150 12.47 -4.05 8.91
CA TYR B 150 11.86 -5.28 8.39
C TYR B 150 12.86 -6.08 7.52
N LEU B 151 13.56 -5.37 6.60
CA LEU B 151 14.54 -5.93 5.67
C LEU B 151 15.68 -6.60 6.45
N HIS B 152 16.18 -5.91 7.49
CA HIS B 152 17.27 -6.36 8.35
C HIS B 152 16.87 -7.55 9.21
N ASN B 153 15.54 -7.77 9.35
CA ASN B 153 14.94 -8.85 10.11
C ASN B 153 14.63 -10.07 9.25
N MET B 154 14.86 -9.98 7.94
CA MET B 154 14.59 -11.09 7.04
C MET B 154 15.61 -12.22 7.23
N THR B 155 15.30 -13.42 6.73
CA THR B 155 16.25 -14.52 6.78
C THR B 155 16.42 -15.04 5.36
N PRO B 156 17.58 -14.77 4.75
CA PRO B 156 18.74 -14.06 5.31
C PRO B 156 18.52 -12.54 5.28
N PRO B 157 19.17 -11.73 6.17
CA PRO B 157 18.93 -10.27 6.13
C PRO B 157 19.12 -9.66 4.75
N LEU B 158 18.22 -8.73 4.40
CA LEU B 158 18.25 -7.99 3.15
C LEU B 158 18.73 -6.58 3.50
N LEU B 159 19.95 -6.24 3.07
CA LEU B 159 20.59 -4.96 3.35
C LEU B 159 20.48 -4.13 2.09
N HIS B 160 20.07 -2.86 2.24
CA HIS B 160 19.86 -1.98 1.10
C HIS B 160 21.17 -1.50 0.47
N HIS B 161 22.03 -0.85 1.27
CA HIS B 161 23.36 -0.35 0.94
C HIS B 161 23.43 0.75 -0.15
N ASP B 162 22.29 1.36 -0.51
CA ASP B 162 22.23 2.56 -1.36
C ASP B 162 21.01 3.42 -0.98
N LEU B 163 20.67 3.49 0.34
CA LEU B 163 19.55 4.31 0.82
C LEU B 163 19.88 5.76 0.57
N LYS B 164 18.94 6.48 0.00
CA LYS B 164 19.10 7.89 -0.32
C LYS B 164 17.71 8.49 -0.44
N THR B 165 17.57 9.80 -0.41
CA THR B 165 16.26 10.43 -0.47
C THR B 165 15.57 10.29 -1.85
N GLN B 166 16.34 9.92 -2.89
CA GLN B 166 15.87 9.75 -4.26
C GLN B 166 15.13 8.40 -4.38
N ASN B 167 15.51 7.42 -3.56
CA ASN B 167 14.88 6.11 -3.65
C ASN B 167 13.94 5.74 -2.45
N ILE B 168 13.38 6.76 -1.81
CA ILE B 168 12.33 6.63 -0.81
C ILE B 168 11.18 7.29 -1.53
N LEU B 169 10.31 6.46 -2.05
CA LEU B 169 9.20 6.90 -2.86
C LEU B 169 7.92 7.10 -2.04
N LEU B 170 7.04 7.95 -2.56
CA LEU B 170 5.84 8.37 -1.87
C LEU B 170 4.60 8.04 -2.64
N ASP B 171 3.68 7.29 -2.01
CA ASP B 171 2.39 6.89 -2.56
C ASP B 171 1.38 8.04 -2.56
N ASN B 172 0.15 7.80 -3.03
CA ASN B 172 -0.90 8.81 -3.16
C ASN B 172 -1.24 9.56 -1.88
N GLU B 173 -1.09 8.91 -0.72
CA GLU B 173 -1.39 9.51 0.59
C GLU B 173 -0.10 9.83 1.34
N PHE B 174 1.02 9.89 0.58
CA PHE B 174 2.37 10.22 1.02
C PHE B 174 2.91 9.26 2.04
N HIS B 175 2.58 7.96 1.88
CA HIS B 175 3.17 6.91 2.70
C HIS B 175 4.39 6.42 1.96
N VAL B 176 5.38 5.97 2.71
CA VAL B 176 6.66 5.55 2.20
C VAL B 176 6.64 4.17 1.57
N LYS B 177 7.43 4.01 0.48
CA LYS B 177 7.77 2.75 -0.19
C LYS B 177 9.28 2.83 -0.52
N ILE B 178 10.09 1.96 0.09
CA ILE B 178 11.53 1.88 -0.18
C ILE B 178 11.75 1.09 -1.48
N ALA B 179 12.61 1.63 -2.34
CA ALA B 179 12.95 1.06 -3.64
C ALA B 179 14.45 1.17 -3.88
N ASP B 180 14.88 0.73 -5.09
CA ASP B 180 16.22 0.87 -5.67
C ASP B 180 17.37 0.30 -4.83
N PHE B 181 17.19 -0.92 -4.34
CA PHE B 181 18.19 -1.68 -3.57
C PHE B 181 19.54 -1.79 -4.31
N GLY B 182 20.64 -1.65 -3.56
CA GLY B 182 22.01 -1.76 -4.07
C GLY B 182 22.44 -3.22 -4.30
N LEU B 183 21.71 -3.93 -5.21
CA LEU B 183 21.84 -5.33 -5.65
C LEU B 183 22.47 -6.28 -4.61
N GLY B 203 27.16 6.56 -11.04
CA GLY B 203 27.41 7.99 -11.07
C GLY B 203 26.69 8.80 -9.99
N GLY B 204 26.01 8.10 -9.08
CA GLY B 204 25.24 8.69 -7.99
C GLY B 204 26.03 9.34 -6.87
N THR B 205 25.29 10.07 -6.02
CA THR B 205 25.72 10.85 -4.86
C THR B 205 26.42 9.99 -3.78
N ILE B 206 27.39 10.62 -3.05
CA ILE B 206 28.20 9.97 -2.00
C ILE B 206 27.74 10.35 -0.59
N ILE B 207 26.91 11.42 -0.50
CA ILE B 207 26.44 12.08 0.73
C ILE B 207 25.70 11.17 1.74
N TYR B 208 25.38 9.89 1.43
CA TYR B 208 24.71 9.00 2.42
C TYR B 208 25.59 7.81 2.72
N MET B 209 26.82 7.82 2.16
CA MET B 209 27.75 6.70 2.32
C MET B 209 28.66 6.87 3.51
N PRO B 210 28.69 5.84 4.40
CA PRO B 210 29.60 5.87 5.55
C PRO B 210 31.04 5.89 5.04
N PRO B 211 31.98 6.60 5.73
CA PRO B 211 33.37 6.70 5.24
C PRO B 211 34.08 5.37 4.97
N GLU B 212 33.75 4.30 5.71
CA GLU B 212 34.38 2.98 5.59
C GLU B 212 33.97 2.17 4.33
N ASN B 213 33.02 2.68 3.53
CA ASN B 213 32.58 2.00 2.32
C ASN B 213 33.26 2.60 1.08
N TYR B 214 33.81 3.82 1.23
CA TYR B 214 34.54 4.62 0.24
C TYR B 214 35.49 3.75 -0.63
N GLU B 215 36.29 2.90 0.04
CA GLU B 215 37.19 1.91 -0.55
C GLU B 215 36.54 0.58 -0.16
N PRO B 216 35.71 -0.02 -1.06
CA PRO B 216 34.95 -1.21 -0.66
C PRO B 216 35.65 -2.55 -0.84
N GLY B 217 35.08 -3.57 -0.17
CA GLY B 217 35.58 -4.93 -0.18
C GLY B 217 34.64 -5.93 0.49
N GLN B 218 35.22 -6.93 1.18
CA GLN B 218 34.48 -8.00 1.84
C GLN B 218 33.72 -7.54 3.09
N LYS B 219 34.37 -6.72 3.95
CA LYS B 219 33.78 -6.23 5.19
C LYS B 219 32.70 -5.16 4.99
N SER B 220 32.97 -4.14 4.14
CA SER B 220 32.09 -3.01 3.84
C SER B 220 30.73 -3.40 3.20
N ARG B 221 30.71 -4.43 2.32
CA ARG B 221 29.51 -4.92 1.62
C ARG B 221 28.67 -5.87 2.49
N ALA B 222 29.29 -6.47 3.52
CA ALA B 222 28.62 -7.36 4.46
C ALA B 222 28.34 -6.64 5.80
N SER B 223 28.53 -5.29 5.81
CA SER B 223 28.33 -4.40 6.97
C SER B 223 26.84 -4.16 7.29
N ILE B 224 26.45 -4.35 8.58
CA ILE B 224 25.09 -4.12 9.09
C ILE B 224 24.86 -2.61 9.27
N LYS B 225 25.90 -1.88 9.73
CA LYS B 225 25.84 -0.47 10.06
C LYS B 225 25.98 0.49 8.87
N HIS B 226 25.69 0.02 7.64
CA HIS B 226 25.75 0.93 6.49
C HIS B 226 24.44 1.73 6.43
N ASP B 227 23.29 1.00 6.47
CA ASP B 227 21.95 1.57 6.33
C ASP B 227 21.58 2.64 7.37
N ILE B 228 22.01 2.46 8.64
CA ILE B 228 21.76 3.44 9.69
C ILE B 228 22.49 4.78 9.42
N TYR B 229 23.73 4.77 8.86
CA TYR B 229 24.46 6.02 8.55
C TYR B 229 23.66 6.88 7.58
N SER B 230 23.12 6.24 6.53
CA SER B 230 22.33 6.85 5.44
C SER B 230 21.05 7.40 6.00
N TYR B 231 20.46 6.68 6.97
CA TYR B 231 19.24 7.08 7.67
C TYR B 231 19.45 8.38 8.44
N ALA B 232 20.61 8.54 9.13
CA ALA B 232 20.92 9.78 9.87
C ALA B 232 21.05 10.98 8.93
N VAL B 233 21.65 10.80 7.74
CA VAL B 233 21.78 11.88 6.76
C VAL B 233 20.39 12.24 6.20
N ILE B 234 19.52 11.20 5.92
CA ILE B 234 18.13 11.39 5.42
C ILE B 234 17.35 12.17 6.48
N THR B 235 17.39 11.70 7.76
CA THR B 235 16.77 12.35 8.92
C THR B 235 17.19 13.82 8.96
N TRP B 236 18.52 14.07 9.02
CA TRP B 236 19.05 15.44 8.99
C TRP B 236 18.47 16.27 7.86
N GLU B 237 18.40 15.72 6.62
CA GLU B 237 17.90 16.35 5.38
C GLU B 237 16.41 16.63 5.48
N VAL B 238 15.66 15.69 6.12
CA VAL B 238 14.21 15.73 6.31
C VAL B 238 13.86 16.90 7.22
N LEU B 239 14.50 17.00 8.41
CA LEU B 239 14.23 18.07 9.39
C LEU B 239 14.72 19.45 8.96
N SER B 240 15.71 19.50 8.07
CA SER B 240 16.32 20.73 7.61
C SER B 240 15.82 21.28 6.27
N ARG B 241 15.44 20.39 5.32
CA ARG B 241 15.10 20.72 3.92
C ARG B 241 16.35 21.36 3.23
N LYS B 242 17.55 20.96 3.73
CA LYS B 242 18.84 21.43 3.24
C LYS B 242 19.61 20.30 2.56
N GLN B 243 20.36 20.66 1.50
CA GLN B 243 21.21 19.74 0.74
C GLN B 243 22.45 19.43 1.58
N PRO B 244 22.65 18.19 2.11
CA PRO B 244 23.85 17.94 2.94
C PRO B 244 25.14 18.30 2.19
N PHE B 245 26.09 18.99 2.90
CA PHE B 245 27.39 19.49 2.38
C PHE B 245 27.16 20.37 1.16
N GLU B 246 26.22 21.31 1.27
CA GLU B 246 25.84 22.26 0.21
C GLU B 246 27.00 23.17 -0.18
N ASP B 247 27.65 23.77 0.85
CA ASP B 247 28.78 24.70 0.75
C ASP B 247 29.96 24.10 -0.03
N VAL B 248 30.28 22.81 0.26
CA VAL B 248 31.35 22.05 -0.41
C VAL B 248 31.08 21.97 -1.93
N THR B 249 32.06 22.41 -2.75
CA THR B 249 31.97 22.48 -4.22
C THR B 249 32.24 21.11 -4.90
N ASN B 250 33.08 20.27 -4.31
CA ASN B 250 33.44 18.97 -4.89
C ASN B 250 32.91 17.82 -4.07
N PRO B 251 32.33 16.81 -4.75
CA PRO B 251 31.90 15.60 -4.04
C PRO B 251 33.10 14.85 -3.48
N LEU B 252 34.28 15.03 -4.12
CA LEU B 252 35.54 14.44 -3.69
C LEU B 252 35.96 15.12 -2.39
N GLN B 253 35.79 16.47 -2.34
CA GLN B 253 36.06 17.29 -1.15
C GLN B 253 35.17 16.83 0.02
N ILE B 254 33.86 16.57 -0.28
CA ILE B 254 32.90 16.02 0.70
C ILE B 254 33.50 14.73 1.28
N MET B 255 33.94 13.81 0.40
CA MET B 255 34.56 12.54 0.80
C MET B 255 35.72 12.70 1.82
N TYR B 256 36.58 13.76 1.63
CA TYR B 256 37.72 14.05 2.52
C TYR B 256 37.23 14.48 3.89
N SER B 257 36.40 15.55 3.91
CA SER B 257 35.76 16.10 5.11
C SER B 257 35.14 15.00 5.97
N VAL B 258 34.33 14.11 5.37
CA VAL B 258 33.65 12.99 6.06
C VAL B 258 34.64 12.05 6.70
N SER B 259 35.57 11.48 5.88
CA SER B 259 36.62 10.54 6.31
C SER B 259 37.43 11.12 7.48
N GLN B 260 37.67 12.45 7.46
CA GLN B 260 38.33 13.17 8.55
C GLN B 260 37.39 13.12 9.81
N GLY B 261 36.12 13.52 9.64
CA GLY B 261 35.15 13.51 10.74
C GLY B 261 33.97 14.46 10.64
N HIS B 262 34.04 15.43 9.71
CA HIS B 262 32.98 16.41 9.43
C HIS B 262 31.67 15.74 8.98
N ARG B 263 30.54 16.43 9.27
CA ARG B 263 29.18 15.99 8.95
C ARG B 263 28.39 17.22 8.50
N PRO B 264 27.12 17.11 7.99
CA PRO B 264 26.38 18.34 7.67
C PRO B 264 26.05 19.07 8.98
N VAL B 265 26.06 20.41 8.90
CA VAL B 265 25.92 21.36 10.00
C VAL B 265 24.67 21.20 10.89
N ILE B 266 24.87 20.76 12.15
CA ILE B 266 23.80 20.70 13.15
C ILE B 266 23.85 22.05 13.91
N ASN B 267 23.12 23.05 13.41
CA ASN B 267 23.09 24.36 14.05
C ASN B 267 21.62 24.86 14.20
N GLU B 268 21.38 26.18 14.18
CA GLU B 268 20.05 26.77 14.30
C GLU B 268 19.51 27.09 12.91
N GLU B 269 20.36 27.63 12.01
CA GLU B 269 19.99 27.98 10.63
C GLU B 269 19.51 26.75 9.83
N SER B 270 20.15 25.59 10.06
CA SER B 270 19.84 24.32 9.44
C SER B 270 18.66 23.67 10.18
N LEU B 271 18.82 23.42 11.50
CA LEU B 271 17.79 22.82 12.35
C LEU B 271 17.16 23.85 13.33
N PRO B 272 15.97 24.46 13.00
CA PRO B 272 15.34 25.43 13.90
C PRO B 272 14.94 24.86 15.27
N TYR B 273 14.77 25.74 16.29
CA TYR B 273 14.41 25.33 17.65
C TYR B 273 12.96 24.82 17.74
N ASP B 274 12.09 25.25 16.78
CA ASP B 274 10.69 24.86 16.63
C ASP B 274 10.46 23.39 16.28
N ILE B 275 11.54 22.65 15.94
CA ILE B 275 11.48 21.23 15.58
C ILE B 275 11.00 20.39 16.76
N PRO B 276 9.84 19.71 16.63
CA PRO B 276 9.39 18.81 17.70
C PRO B 276 10.49 17.85 18.12
N HIS B 277 10.68 17.69 19.43
CA HIS B 277 11.64 16.79 20.07
C HIS B 277 13.07 16.96 19.56
N ARG B 278 13.41 18.18 19.09
CA ARG B 278 14.72 18.57 18.56
C ARG B 278 15.86 17.85 19.22
N ALA B 279 15.80 17.70 20.55
CA ALA B 279 16.79 17.03 21.36
C ALA B 279 16.98 15.57 20.93
N ARG B 280 16.00 14.67 21.22
CA ARG B 280 16.06 13.23 20.89
C ARG B 280 16.39 12.96 19.41
N MET B 281 15.97 13.90 18.51
CA MET B 281 16.22 13.83 17.08
C MET B 281 17.72 13.99 16.83
N ILE B 282 18.30 15.15 17.25
CA ILE B 282 19.74 15.47 17.16
C ILE B 282 20.59 14.37 17.81
N SER B 283 20.11 13.78 18.91
CA SER B 283 20.81 12.68 19.56
C SER B 283 20.90 11.56 18.55
N LEU B 284 19.75 10.98 18.14
CA LEU B 284 19.57 9.89 17.16
C LEU B 284 20.42 10.07 15.88
N ILE B 285 20.37 11.28 15.26
CA ILE B 285 21.14 11.63 14.07
C ILE B 285 22.63 11.34 14.34
N GLU B 286 23.22 12.09 15.32
CA GLU B 286 24.62 11.99 15.70
C GLU B 286 25.06 10.55 16.00
N SER B 287 24.25 9.79 16.76
CA SER B 287 24.50 8.39 17.09
C SER B 287 24.59 7.49 15.83
N GLY B 288 23.71 7.73 14.86
CA GLY B 288 23.64 6.96 13.63
C GLY B 288 24.71 7.32 12.62
N TRP B 289 25.17 8.57 12.62
CA TRP B 289 26.22 8.96 11.67
C TRP B 289 27.62 9.02 12.35
N ALA B 290 27.85 8.12 13.34
CA ALA B 290 29.10 7.98 14.09
C ALA B 290 30.21 7.40 13.19
N GLN B 291 31.47 7.88 13.35
CA GLN B 291 32.62 7.38 12.58
C GLN B 291 32.90 5.91 12.90
N ASN B 292 32.69 5.48 14.16
CA ASN B 292 32.89 4.08 14.50
C ASN B 292 31.63 3.25 14.24
N PRO B 293 31.63 2.38 13.20
CA PRO B 293 30.45 1.54 12.95
C PRO B 293 29.82 0.89 14.17
N ASP B 294 30.64 0.44 15.16
CA ASP B 294 30.18 -0.17 16.41
C ASP B 294 29.27 0.77 17.24
N GLU B 295 29.55 2.09 17.20
CA GLU B 295 28.83 3.18 17.90
C GLU B 295 27.45 3.53 17.31
N ARG B 296 27.04 2.84 16.23
CA ARG B 296 25.77 3.07 15.55
C ARG B 296 24.69 2.13 16.08
N PRO B 297 23.42 2.60 16.26
CA PRO B 297 22.38 1.72 16.82
C PRO B 297 21.68 0.83 15.80
N SER B 298 20.91 -0.15 16.29
CA SER B 298 20.09 -1.00 15.42
C SER B 298 18.85 -0.17 14.99
N PHE B 299 18.10 -0.65 13.99
CA PHE B 299 16.90 0.04 13.55
C PHE B 299 15.77 -0.13 14.59
N LEU B 300 15.86 -1.17 15.43
CA LEU B 300 14.93 -1.46 16.52
C LEU B 300 15.06 -0.41 17.65
N LYS B 301 16.30 -0.06 18.03
CA LYS B 301 16.59 0.94 19.07
C LYS B 301 16.18 2.31 18.55
N CYS B 302 16.28 2.47 17.24
CA CYS B 302 15.91 3.67 16.52
C CYS B 302 14.37 3.84 16.51
N LEU B 303 13.64 2.71 16.37
CA LEU B 303 12.18 2.69 16.37
C LEU B 303 11.62 2.99 17.76
N ILE B 304 12.15 2.31 18.81
CA ILE B 304 11.86 2.47 20.26
C ILE B 304 11.99 3.96 20.65
N GLU B 305 13.03 4.62 20.15
CA GLU B 305 13.30 6.03 20.37
C GLU B 305 12.19 6.88 19.70
N LEU B 306 11.83 6.56 18.43
CA LEU B 306 10.85 7.26 17.58
C LEU B 306 9.37 7.15 18.00
N GLU B 307 8.89 5.95 18.37
CA GLU B 307 7.50 5.65 18.75
C GLU B 307 6.82 6.70 19.67
N PRO B 308 7.41 7.10 20.84
CA PRO B 308 6.75 8.13 21.67
C PRO B 308 6.63 9.50 20.98
N VAL B 309 7.64 9.86 20.14
CA VAL B 309 7.65 11.11 19.37
C VAL B 309 6.43 11.12 18.42
N LEU B 310 6.02 9.94 17.95
CA LEU B 310 4.91 9.79 17.02
C LEU B 310 3.54 9.84 17.70
N ARG B 311 3.47 9.36 18.96
CA ARG B 311 2.27 9.34 19.81
C ARG B 311 1.82 10.77 20.13
N THR B 312 2.79 11.72 20.14
CA THR B 312 2.64 13.16 20.33
C THR B 312 1.71 13.77 19.30
N PHE B 313 1.66 13.18 18.07
CA PHE B 313 0.87 13.70 16.96
C PHE B 313 -0.46 13.01 16.85
N GLU B 314 -1.53 13.82 16.82
CA GLU B 314 -2.90 13.33 16.63
C GLU B 314 -3.03 12.84 15.18
N GLU B 315 -3.89 11.82 14.94
CA GLU B 315 -4.07 11.18 13.62
C GLU B 315 -4.42 12.16 12.49
N ILE B 316 -5.39 13.05 12.75
CA ILE B 316 -5.87 14.08 11.83
C ILE B 316 -4.79 15.02 11.34
N THR B 317 -3.71 15.22 12.13
CA THR B 317 -2.65 16.16 11.73
C THR B 317 -1.87 15.69 10.52
N PHE B 318 -1.77 14.35 10.31
CA PHE B 318 -1.12 13.75 9.15
C PHE B 318 -1.95 13.99 7.94
N LEU B 319 -3.28 13.81 8.05
CA LEU B 319 -4.21 14.05 6.96
C LEU B 319 -4.21 15.52 6.52
N GLU B 320 -4.18 16.45 7.50
CA GLU B 320 -4.16 17.89 7.26
C GLU B 320 -2.89 18.27 6.50
N ALA B 321 -1.71 17.69 6.90
CA ALA B 321 -0.38 17.89 6.28
C ALA B 321 -0.40 17.53 4.80
N VAL B 322 -1.11 16.43 4.45
CA VAL B 322 -1.23 15.99 3.05
C VAL B 322 -2.08 16.97 2.26
N ILE B 323 -3.30 17.31 2.76
CA ILE B 323 -4.23 18.25 2.10
C ILE B 323 -3.51 19.56 1.76
N GLN B 324 -2.56 19.95 2.62
CA GLN B 324 -1.72 21.14 2.49
C GLN B 324 -0.75 21.03 1.30
N LEU B 325 -0.20 19.84 1.01
CA LEU B 325 0.67 19.65 -0.18
C LEU B 325 -0.21 19.66 -1.43
N LYS B 326 -1.31 18.86 -1.42
CA LYS B 326 -2.24 18.69 -2.53
C LYS B 326 -3.05 19.93 -2.82
#